data_5E67
#
_entry.id   5E67
#
_cell.length_a   60.518
_cell.length_b   67.326
_cell.length_c   98.572
_cell.angle_alpha   90.00
_cell.angle_beta   90.00
_cell.angle_gamma   90.00
#
_symmetry.space_group_name_H-M   'P 21 21 21'
#
loop_
_entity.id
_entity.type
_entity.pdbx_description
1 polymer 'I-SmaMI LAGLIDADG meganuclease'
2 polymer 'DNA bottom strand'
3 polymer 'DNA top strand'
4 non-polymer 'MAGNESIUM ION'
5 non-polymer 2-METHOXYETHANOL
6 non-polymer 2-(2-METHOXYETHOXY)ETHANOL
7 water water
#
loop_
_entity_poly.entity_id
_entity_poly.type
_entity_poly.pdbx_seq_one_letter_code
_entity_poly.pdbx_strand_id
1 'polypeptide(L)'
;SKGENSKLNPWAVVGFIDAEGSFMVRVRKNSKYKTGWLVVAIFSVTVDKKDLFLLESLKTFFGGLGSIKKSGNSTFSYRI
ESSEQLTKIILPFFDKYSLITEALGDYLLFKKVLELMGTKEHLTQRGLEKIVSLKASINKGLSEELQAAFPQCVPTPRPE
INNKNIPDPFWLAGFVSGDGSFKSILKKSESIKVGFQSILVFQITQHARDVKLMESLISYLGCGFIEKDSRGPWLYYTVT
NFSDIQGKIIPFFHQYKIIGSAYGDYQDWCKIALIMQNKNHLTPEGLNEIRALKGGMNKGRL
;
A
2 'polydeoxyribonucleotide'
;(DC)(DG)(DT)(DA)(DC)(DA)(DC)(DC)(DT)(DG)(DA)(DT)(DA)(DA)(DT)(DG)(DG)(DA)(DG)(DG)
(DA)(DT)(DA)(DC)(DC)
;
B
3 'polydeoxyribonucleotide'
;(DG)(DG)(DT)(DA)(DT)(DC)(DC)(DT)(DC)(DC)(DA)(DT)(DT)(DA)(DT)(DC)(DA)(DG)(DG)(DT)
(DG)(DT)(DA)(DC)(DG)
;
C
#
# COMPACT_ATOMS: atom_id res chain seq x y z
N LYS A 7 -11.62 5.92 12.71
CA LYS A 7 -11.87 4.63 13.42
C LYS A 7 -11.40 3.47 12.55
N LEU A 8 -10.09 3.37 12.51
CA LEU A 8 -9.33 2.35 11.80
C LEU A 8 -8.98 1.20 12.74
N ASN A 9 -8.85 0.05 12.18
CA ASN A 9 -8.62 -1.19 12.86
C ASN A 9 -7.09 -1.41 12.67
N PRO A 10 -6.37 -1.93 13.65
CA PRO A 10 -4.90 -2.14 13.50
C PRO A 10 -4.41 -2.92 12.23
N TRP A 11 -5.13 -3.94 11.86
CA TRP A 11 -4.69 -4.82 10.81
C TRP A 11 -4.98 -4.16 9.48
N ALA A 12 -6.05 -3.38 9.46
CA ALA A 12 -6.32 -2.52 8.25
C ALA A 12 -5.20 -1.52 8.01
N VAL A 13 -4.63 -0.97 9.10
CA VAL A 13 -3.58 0.05 8.95
C VAL A 13 -2.35 -0.66 8.36
N VAL A 14 -2.05 -1.83 8.90
CA VAL A 14 -0.90 -2.59 8.41
C VAL A 14 -1.09 -2.95 6.93
N GLY A 15 -2.28 -3.44 6.61
CA GLY A 15 -2.60 -3.75 5.24
C GLY A 15 -2.35 -2.52 4.34
N PHE A 16 -2.83 -1.36 4.77
CA PHE A 16 -2.63 -0.13 3.95
C PHE A 16 -1.16 0.27 3.72
N ILE A 17 -0.38 0.09 4.78
CA ILE A 17 1.06 0.41 4.74
C ILE A 17 1.82 -0.64 3.97
N ASP A 18 1.41 -1.88 4.07
CA ASP A 18 1.88 -2.85 3.07
C ASP A 18 1.65 -2.40 1.58
N ALA A 19 0.57 -1.65 1.30
CA ALA A 19 0.29 -1.16 -0.04
C ALA A 19 1.01 0.16 -0.45
N GLU A 20 1.01 1.10 0.48
CA GLU A 20 1.36 2.52 0.23
C GLU A 20 2.38 3.12 1.23
N GLY A 21 2.63 2.51 2.35
CA GLY A 21 3.67 3.26 3.23
C GLY A 21 5.09 3.47 2.62
N SER A 22 5.85 4.49 3.04
CA SER A 22 7.28 4.54 2.78
C SER A 22 8.08 4.65 4.15
N PHE A 23 9.04 3.72 4.35
CA PHE A 23 10.07 3.78 5.41
C PHE A 23 11.37 4.35 4.88
N MET A 24 11.72 5.58 5.28
CA MET A 24 12.89 6.24 4.70
C MET A 24 13.99 6.53 5.74
N VAL A 25 15.24 6.44 5.30
CA VAL A 25 16.41 6.87 6.04
C VAL A 25 17.17 7.82 5.16
N ARG A 26 17.35 9.04 5.62
CA ARG A 26 18.14 10.02 4.94
C ARG A 26 19.46 10.29 5.72
N VAL A 27 20.56 10.34 4.97
CA VAL A 27 21.89 10.69 5.48
C VAL A 27 22.35 11.97 4.73
N ARG A 28 22.32 13.12 5.38
CA ARG A 28 22.43 14.43 4.67
C ARG A 28 23.74 15.05 5.02
N LYS A 29 24.49 15.57 4.05
CA LYS A 29 25.80 16.15 4.43
C LYS A 29 25.58 17.50 5.13
N ASN A 30 26.29 17.68 6.25
CA ASN A 30 26.28 18.93 7.02
C ASN A 30 27.46 19.00 8.02
N SER A 31 28.33 19.99 7.85
CA SER A 31 29.59 20.04 8.62
C SER A 31 29.43 20.54 10.05
N LYS A 32 28.20 20.88 10.43
CA LYS A 32 27.89 21.18 11.81
C LYS A 32 27.80 19.97 12.73
N TYR A 33 27.61 18.78 12.12
CA TYR A 33 27.56 17.50 12.90
C TYR A 33 28.99 17.05 12.92
N LYS A 34 29.41 16.47 14.04
CA LYS A 34 30.78 15.95 14.19
C LYS A 34 31.24 14.97 13.14
N THR A 35 30.38 14.06 12.69
CA THR A 35 30.73 13.10 11.60
C THR A 35 30.64 13.74 10.19
N GLY A 36 30.06 14.93 10.08
CA GLY A 36 29.79 15.53 8.79
C GLY A 36 28.46 15.18 8.17
N TRP A 37 27.69 14.37 8.87
CA TRP A 37 26.40 13.94 8.37
C TRP A 37 25.33 13.94 9.44
N LEU A 38 24.13 14.32 8.98
CA LEU A 38 22.88 14.24 9.66
C LEU A 38 22.06 13.03 9.17
N VAL A 39 21.59 12.22 10.13
CA VAL A 39 20.88 10.92 9.91
C VAL A 39 19.48 11.19 10.38
N VAL A 40 18.48 10.89 9.56
CA VAL A 40 17.08 11.19 9.83
C VAL A 40 16.29 9.95 9.33
N ALA A 41 15.34 9.52 10.16
CA ALA A 41 14.39 8.47 9.78
C ALA A 41 12.98 9.05 9.65
N ILE A 42 12.28 8.65 8.59
CA ILE A 42 10.92 9.15 8.32
C ILE A 42 9.94 8.01 7.98
N PHE A 43 8.76 8.01 8.63
CA PHE A 43 7.66 7.19 8.22
C PHE A 43 6.74 8.09 7.43
N SER A 44 6.35 7.70 6.20
CA SER A 44 5.62 8.65 5.27
C SER A 44 4.50 7.96 4.54
N VAL A 45 3.35 8.56 4.44
CA VAL A 45 2.18 8.02 3.71
C VAL A 45 1.74 9.20 2.84
N THR A 46 1.65 9.01 1.53
CA THR A 46 1.36 10.10 0.61
C THR A 46 0.19 9.69 -0.31
N VAL A 47 -0.88 10.50 -0.36
CA VAL A 47 -2.10 10.22 -1.09
C VAL A 47 -2.62 11.50 -1.71
N ASP A 48 -3.45 11.34 -2.70
CA ASP A 48 -4.25 12.42 -3.26
C ASP A 48 -5.15 13.09 -2.16
N LYS A 49 -5.40 14.37 -2.33
CA LYS A 49 -6.15 15.17 -1.33
C LYS A 49 -7.53 14.66 -1.06
N LYS A 50 -8.06 13.94 -2.04
CA LYS A 50 -9.33 13.21 -1.93
C LYS A 50 -9.32 12.29 -0.66
N ASP A 51 -8.15 11.77 -0.31
CA ASP A 51 -7.96 10.98 0.93
C ASP A 51 -7.31 11.70 2.10
N LEU A 52 -7.44 12.98 2.11
CA LEU A 52 -6.92 13.72 3.22
C LEU A 52 -7.60 13.26 4.55
N PHE A 53 -8.88 12.90 4.52
CA PHE A 53 -9.59 12.52 5.74
C PHE A 53 -8.99 11.19 6.29
N LEU A 54 -8.47 10.32 5.40
CA LEU A 54 -7.83 9.09 5.86
C LEU A 54 -6.48 9.38 6.44
N LEU A 55 -5.76 10.38 5.90
CA LEU A 55 -4.52 10.81 6.57
C LEU A 55 -4.82 11.33 8.02
N GLU A 56 -5.90 12.07 8.20
CA GLU A 56 -6.28 12.53 9.53
C GLU A 56 -6.62 11.43 10.53
N SER A 57 -7.35 10.42 10.07
CA SER A 57 -7.60 9.18 10.84
C SER A 57 -6.32 8.49 11.25
N LEU A 58 -5.38 8.35 10.33
CA LEU A 58 -4.06 7.81 10.61
C LEU A 58 -3.28 8.52 11.65
N LYS A 59 -3.34 9.84 11.61
CA LYS A 59 -2.70 10.64 12.61
C LYS A 59 -3.32 10.38 13.99
N THR A 60 -4.63 10.38 14.01
CA THR A 60 -5.37 10.13 15.27
C THR A 60 -5.09 8.71 15.80
N PHE A 61 -5.14 7.77 14.86
CA PHE A 61 -4.73 6.38 15.18
C PHE A 61 -3.33 6.30 15.84
N PHE A 62 -2.36 7.05 15.28
CA PHE A 62 -0.98 7.09 15.82
C PHE A 62 -0.70 8.16 16.84
N GLY A 63 -1.63 8.27 17.76
CA GLY A 63 -1.47 9.09 18.94
C GLY A 63 -1.50 10.59 18.70
N GLY A 64 -2.00 11.06 17.56
CA GLY A 64 -1.96 12.48 17.23
C GLY A 64 -0.60 12.92 16.81
N LEU A 65 0.34 11.98 16.65
CA LEU A 65 1.72 12.36 16.33
C LEU A 65 1.91 12.60 14.86
N GLY A 66 2.87 13.44 14.54
CA GLY A 66 3.38 13.60 13.17
C GLY A 66 2.62 14.71 12.55
N SER A 67 2.78 14.91 11.25
CA SER A 67 1.98 15.96 10.61
C SER A 67 1.70 15.74 9.13
N ILE A 68 0.68 16.45 8.73
CA ILE A 68 0.08 16.30 7.42
C ILE A 68 0.34 17.62 6.63
N LYS A 69 0.95 17.50 5.47
CA LYS A 69 1.46 18.63 4.73
C LYS A 69 1.20 18.44 3.26
N LYS A 70 1.00 19.56 2.57
CA LYS A 70 1.04 19.50 1.13
C LYS A 70 2.39 18.82 0.65
N SER A 71 2.26 17.83 -0.24
CA SER A 71 3.41 17.18 -0.92
C SER A 71 3.57 17.68 -2.37
N GLY A 72 2.67 17.29 -3.28
CA GLY A 72 2.75 17.72 -4.63
C GLY A 72 1.56 18.63 -4.89
N ASN A 73 1.35 18.84 -6.16
CA ASN A 73 0.27 19.63 -6.66
C ASN A 73 -1.07 19.26 -6.06
N SER A 74 -1.32 17.98 -6.00
CA SER A 74 -2.58 17.53 -5.47
C SER A 74 -2.46 16.34 -4.47
N THR A 75 -1.28 16.13 -3.89
CA THR A 75 -1.10 15.11 -2.84
C THR A 75 -0.74 15.79 -1.52
N PHE A 76 -0.93 15.04 -0.47
CA PHE A 76 -0.62 15.41 0.89
C PHE A 76 0.13 14.19 1.51
N SER A 77 1.13 14.43 2.34
CA SER A 77 1.86 13.37 3.04
C SER A 77 1.52 13.45 4.52
N TYR A 78 1.33 12.32 5.16
CA TYR A 78 1.41 12.22 6.63
C TYR A 78 2.76 11.68 6.97
N ARG A 79 3.50 12.37 7.82
CA ARG A 79 4.82 11.94 8.19
C ARG A 79 5.13 12.06 9.67
N ILE A 80 5.98 11.15 10.10
CA ILE A 80 6.58 11.20 11.40
C ILE A 80 8.11 11.21 11.15
N GLU A 81 8.77 12.28 11.58
CA GLU A 81 10.24 12.50 11.38
C GLU A 81 11.00 12.51 12.69
N SER A 82 10.31 12.47 13.82
CA SER A 82 10.97 12.38 15.14
C SER A 82 11.37 10.93 15.44
N SER A 83 12.67 10.76 15.47
CA SER A 83 13.37 9.57 15.93
C SER A 83 12.77 8.97 17.24
N GLU A 84 12.54 9.86 18.18
CA GLU A 84 11.94 9.51 19.40
C GLU A 84 10.51 9.04 19.28
N GLN A 85 9.67 9.78 18.60
CA GLN A 85 8.28 9.43 18.41
C GLN A 85 8.15 8.12 17.60
N LEU A 86 9.00 7.93 16.61
CA LEU A 86 9.12 6.72 15.85
C LEU A 86 9.43 5.54 16.71
N THR A 87 10.40 5.68 17.58
CA THR A 87 10.76 4.60 18.51
C THR A 87 9.66 4.33 19.51
N LYS A 88 8.93 5.34 19.91
CA LYS A 88 7.85 5.14 20.89
C LYS A 88 6.51 4.65 20.34
N ILE A 89 6.11 5.10 19.18
CA ILE A 89 4.83 4.75 18.66
C ILE A 89 4.91 3.79 17.46
N ILE A 90 5.73 4.05 16.44
CA ILE A 90 5.72 3.26 15.22
C ILE A 90 6.30 1.85 15.40
N LEU A 91 7.48 1.75 15.98
CA LEU A 91 8.08 0.45 16.23
C LEU A 91 7.25 -0.55 17.03
N PRO A 92 6.63 -0.11 18.15
CA PRO A 92 5.89 -1.11 18.86
C PRO A 92 4.63 -1.47 18.17
N PHE A 93 4.12 -0.57 17.34
CA PHE A 93 2.95 -0.95 16.57
C PHE A 93 3.29 -2.11 15.57
N PHE A 94 4.26 -1.87 14.71
CA PHE A 94 4.61 -2.83 13.65
C PHE A 94 5.38 -4.01 14.16
N ASP A 95 5.96 -3.90 15.33
CA ASP A 95 6.55 -5.13 15.93
C ASP A 95 5.43 -6.03 16.40
N LYS A 96 4.28 -5.48 16.78
CA LYS A 96 3.19 -6.31 17.21
C LYS A 96 2.28 -6.74 16.03
N TYR A 97 2.13 -5.87 15.04
CA TYR A 97 1.24 -6.12 13.91
C TYR A 97 2.08 -5.98 12.66
N SER A 98 2.72 -7.09 12.28
CA SER A 98 3.77 -7.13 11.24
C SER A 98 3.25 -7.14 9.81
N LEU A 99 3.91 -6.29 9.01
CA LEU A 99 3.85 -6.21 7.59
C LEU A 99 4.14 -7.58 6.97
N ILE A 100 3.55 -7.86 5.82
CA ILE A 100 3.80 -9.18 5.16
C ILE A 100 4.36 -9.11 3.75
N THR A 101 4.39 -7.90 3.15
CA THR A 101 4.97 -7.85 1.83
C THR A 101 6.51 -7.65 2.00
N GLU A 102 7.21 -7.46 0.89
CA GLU A 102 8.59 -6.99 0.94
C GLU A 102 8.79 -5.64 1.66
N ALA A 103 7.75 -4.85 1.82
CA ALA A 103 7.86 -3.67 2.67
C ALA A 103 8.40 -4.06 4.05
N LEU A 104 8.15 -5.29 4.52
CA LEU A 104 8.59 -5.73 5.82
C LEU A 104 10.12 -5.63 5.82
N GLY A 105 10.77 -5.91 4.70
CA GLY A 105 12.22 -5.89 4.72
C GLY A 105 12.78 -4.49 4.98
N ASP A 106 12.14 -3.52 4.36
CA ASP A 106 12.48 -2.11 4.50
C ASP A 106 12.22 -1.69 5.94
N TYR A 107 11.03 -2.04 6.47
CA TYR A 107 10.69 -1.80 7.89
C TYR A 107 11.78 -2.39 8.77
N LEU A 108 12.17 -3.63 8.61
CA LEU A 108 13.11 -4.18 9.59
C LEU A 108 14.46 -3.48 9.57
N LEU A 109 14.95 -3.06 8.39
CA LEU A 109 16.21 -2.35 8.29
C LEU A 109 16.10 -0.90 8.87
N PHE A 110 14.98 -0.23 8.58
CA PHE A 110 14.52 1.05 9.24
C PHE A 110 14.55 0.99 10.77
N LYS A 111 14.05 -0.12 11.34
CA LYS A 111 14.09 -0.33 12.79
C LYS A 111 15.50 -0.36 13.38
N LYS A 112 16.39 -1.10 12.72
CA LYS A 112 17.80 -1.15 13.09
C LYS A 112 18.49 0.19 13.09
N VAL A 113 18.19 1.01 12.09
CA VAL A 113 18.70 2.37 12.07
C VAL A 113 18.18 3.10 13.32
N LEU A 114 16.89 3.03 13.56
CA LEU A 114 16.29 3.66 14.73
C LEU A 114 16.95 3.21 16.04
N GLU A 115 17.29 1.92 16.16
CA GLU A 115 17.90 1.39 17.39
C GLU A 115 19.29 1.94 17.58
N LEU A 116 19.96 2.17 16.46
CA LEU A 116 21.29 2.77 16.48
C LEU A 116 21.25 4.26 16.81
N MET A 117 20.19 4.92 16.38
CA MET A 117 19.95 6.32 16.73
C MET A 117 19.56 6.42 18.23
N GLY A 118 18.83 5.44 18.74
CA GLY A 118 18.42 5.46 20.12
C GLY A 118 19.54 5.46 21.17
N THR A 119 20.66 4.79 20.92
CA THR A 119 21.81 4.74 21.77
C THR A 119 22.84 5.76 21.34
N LYS A 120 22.46 6.62 20.40
CA LYS A 120 23.31 7.69 19.87
C LYS A 120 24.50 7.27 19.04
N GLU A 121 24.51 6.01 18.63
CA GLU A 121 25.60 5.52 17.80
C GLU A 121 25.73 6.15 16.42
N HIS A 122 24.67 6.81 15.96
CA HIS A 122 24.68 7.58 14.71
C HIS A 122 25.57 8.84 14.69
N LEU A 123 25.90 9.31 15.89
CA LEU A 123 26.80 10.44 16.08
C LEU A 123 28.25 9.99 16.17
N THR A 124 28.49 8.69 15.87
CA THR A 124 29.83 8.13 15.77
C THR A 124 30.14 7.61 14.39
N GLN A 125 31.41 7.58 14.11
CA GLN A 125 31.86 7.13 12.80
C GLN A 125 31.38 5.67 12.49
N ARG A 126 31.66 4.72 13.39
CA ARG A 126 31.25 3.29 13.23
C ARG A 126 29.70 3.07 13.07
N GLY A 127 28.89 3.76 13.88
CA GLY A 127 27.46 3.69 13.74
C GLY A 127 27.00 4.35 12.45
N LEU A 128 27.62 5.45 12.05
CA LEU A 128 27.21 6.08 10.82
C LEU A 128 27.42 5.10 9.67
N GLU A 129 28.57 4.41 9.68
CA GLU A 129 28.83 3.44 8.64
C GLU A 129 27.75 2.34 8.60
N LYS A 130 27.35 1.86 9.80
CA LYS A 130 26.33 0.78 9.88
C LYS A 130 25.03 1.22 9.28
N ILE A 131 24.68 2.48 9.61
CA ILE A 131 23.48 3.12 9.12
C ILE A 131 23.51 3.25 7.59
N VAL A 132 24.64 3.67 7.07
CA VAL A 132 24.81 3.68 5.63
C VAL A 132 24.67 2.24 5.11
N SER A 133 25.28 1.24 5.73
CA SER A 133 25.00 -0.11 5.23
C SER A 133 23.53 -0.49 5.25
N LEU A 134 22.80 -0.12 6.31
CA LEU A 134 21.34 -0.41 6.43
C LEU A 134 20.62 0.30 5.33
N LYS A 135 20.95 1.60 5.12
CA LYS A 135 20.22 2.40 4.14
C LYS A 135 20.40 1.83 2.74
N ALA A 136 21.60 1.26 2.54
CA ALA A 136 21.97 0.65 1.27
C ALA A 136 20.98 -0.45 0.78
N SER A 137 20.22 -1.10 1.67
CA SER A 137 19.30 -2.19 1.27
C SER A 137 17.87 -1.85 1.42
N ILE A 138 17.60 -0.57 1.66
CA ILE A 138 16.25 -0.03 1.86
C ILE A 138 15.88 0.60 0.53
N ASN A 139 14.63 0.36 0.12
CA ASN A 139 14.06 1.00 -1.08
C ASN A 139 15.07 0.92 -2.20
N LYS A 140 15.50 2.05 -2.75
CA LYS A 140 16.30 2.04 -3.95
C LYS A 140 17.79 2.10 -3.66
N GLY A 141 18.19 2.19 -2.40
CA GLY A 141 19.58 1.91 -2.07
C GLY A 141 20.29 3.24 -1.94
N LEU A 142 21.61 3.26 -1.95
CA LEU A 142 22.36 4.49 -1.85
C LEU A 142 22.23 5.41 -3.11
N SER A 143 22.17 6.71 -2.84
CA SER A 143 22.39 7.78 -3.86
C SER A 143 23.80 7.69 -4.39
N GLU A 144 24.04 8.45 -5.45
CA GLU A 144 25.37 8.62 -6.03
C GLU A 144 26.22 9.31 -4.97
N GLU A 145 25.66 10.29 -4.26
CA GLU A 145 26.44 11.00 -3.23
C GLU A 145 27.00 10.10 -2.14
N LEU A 146 26.13 9.28 -1.56
CA LEU A 146 26.48 8.41 -0.41
C LEU A 146 27.38 7.25 -0.88
N GLN A 147 27.00 6.67 -2.01
CA GLN A 147 27.82 5.69 -2.69
C GLN A 147 29.28 6.21 -2.81
N ALA A 148 29.49 7.44 -3.26
CA ALA A 148 30.86 7.93 -3.41
C ALA A 148 31.53 8.34 -2.07
N ALA A 149 30.75 8.90 -1.15
CA ALA A 149 31.28 9.28 0.16
C ALA A 149 31.51 8.05 1.04
N PHE A 150 30.79 6.94 0.77
CA PHE A 150 30.90 5.69 1.57
C PHE A 150 31.19 4.42 0.76
N PRO A 151 32.39 4.35 0.15
CA PRO A 151 32.75 3.28 -0.81
C PRO A 151 33.01 1.93 -0.16
N GLN A 152 33.41 1.97 1.10
CA GLN A 152 33.67 0.79 1.91
C GLN A 152 32.35 0.03 2.31
N CYS A 153 31.32 0.78 2.78
CA CYS A 153 29.99 0.23 3.20
C CYS A 153 29.27 -0.78 2.29
N VAL A 154 29.66 -2.04 2.49
CA VAL A 154 28.92 -3.23 2.08
C VAL A 154 27.42 -3.20 2.54
N PRO A 155 26.46 -3.37 1.61
CA PRO A 155 25.02 -3.29 2.01
C PRO A 155 24.66 -4.39 2.99
N THR A 156 23.75 -4.19 3.91
CA THR A 156 23.48 -5.26 4.88
C THR A 156 22.48 -6.25 4.22
N PRO A 157 22.71 -7.56 4.41
CA PRO A 157 21.87 -8.52 3.71
C PRO A 157 20.39 -8.28 3.95
N ARG A 158 19.57 -8.26 2.92
CA ARG A 158 18.17 -8.10 3.17
C ARG A 158 17.56 -9.26 3.94
N PRO A 159 16.74 -8.96 4.96
CA PRO A 159 15.88 -9.96 5.65
C PRO A 159 15.32 -11.07 4.78
N GLU A 160 15.69 -12.32 5.04
CA GLU A 160 15.01 -13.47 4.40
C GLU A 160 13.83 -13.89 5.30
N ILE A 161 12.64 -13.30 5.09
CA ILE A 161 11.42 -13.75 5.81
C ILE A 161 10.61 -14.58 4.79
N ASN A 162 10.36 -15.85 5.12
CA ASN A 162 9.67 -16.75 4.18
C ASN A 162 8.16 -16.59 4.26
N ASN A 163 7.49 -17.27 3.32
CA ASN A 163 6.01 -17.40 3.16
C ASN A 163 5.19 -16.90 4.35
N LYS A 164 4.71 -15.66 4.26
N LYS A 164 4.75 -15.64 4.32
CA LYS A 164 3.85 -15.04 5.27
CA LYS A 164 3.85 -15.13 5.36
C LYS A 164 2.36 -15.13 4.86
C LYS A 164 2.39 -15.12 4.90
N ASN A 165 1.53 -15.64 5.76
CA ASN A 165 0.12 -15.70 5.56
C ASN A 165 -0.55 -14.34 5.79
N ILE A 166 -1.69 -14.16 5.17
CA ILE A 166 -2.56 -13.05 5.50
C ILE A 166 -3.00 -13.16 6.96
N PRO A 167 -2.60 -12.19 7.80
CA PRO A 167 -2.77 -12.38 9.24
C PRO A 167 -4.18 -12.22 9.75
N ASP A 168 -5.05 -11.61 8.99
CA ASP A 168 -6.34 -11.19 9.50
C ASP A 168 -7.03 -10.62 8.29
N PRO A 169 -8.33 -10.83 8.18
CA PRO A 169 -9.01 -10.34 7.07
C PRO A 169 -9.01 -8.87 6.91
N PHE A 170 -8.95 -8.15 8.02
CA PHE A 170 -8.78 -6.74 7.97
C PHE A 170 -7.51 -6.32 7.30
N TRP A 171 -6.47 -7.13 7.32
CA TRP A 171 -5.27 -6.80 6.55
C TRP A 171 -5.60 -6.69 5.08
N LEU A 172 -6.40 -7.63 4.60
CA LEU A 172 -6.75 -7.57 3.20
C LEU A 172 -7.62 -6.35 2.87
N ALA A 173 -8.56 -5.99 3.74
CA ALA A 173 -9.26 -4.76 3.53
C ALA A 173 -8.29 -3.59 3.36
N GLY A 174 -7.31 -3.48 4.22
CA GLY A 174 -6.39 -2.32 4.12
C GLY A 174 -5.53 -2.32 2.92
N PHE A 175 -5.07 -3.51 2.62
CA PHE A 175 -4.24 -3.67 1.49
C PHE A 175 -4.93 -3.37 0.17
N VAL A 176 -6.16 -3.83 0.04
CA VAL A 176 -6.95 -3.58 -1.16
C VAL A 176 -7.28 -2.12 -1.22
N SER A 177 -7.43 -1.49 -0.06
CA SER A 177 -7.59 -0.04 -0.06
C SER A 177 -6.48 0.75 -0.73
N GLY A 178 -5.28 0.19 -0.72
CA GLY A 178 -4.17 0.80 -1.38
C GLY A 178 -3.83 0.28 -2.76
N ASP A 179 -3.80 -1.02 -2.89
CA ASP A 179 -3.37 -1.66 -4.12
C ASP A 179 -4.46 -2.42 -4.91
N GLY A 180 -5.70 -2.30 -4.46
CA GLY A 180 -6.84 -2.99 -5.14
C GLY A 180 -7.53 -2.01 -6.12
N SER A 181 -8.29 -2.54 -7.07
CA SER A 181 -9.07 -1.72 -7.97
C SER A 181 -10.41 -2.36 -8.13
N PHE A 182 -11.45 -1.57 -8.05
CA PHE A 182 -12.78 -2.04 -8.35
C PHE A 182 -13.16 -1.47 -9.70
N LYS A 183 -13.02 -2.25 -10.77
CA LYS A 183 -13.10 -1.69 -12.13
C LYS A 183 -14.46 -2.03 -12.68
N SER A 184 -15.02 -1.01 -13.30
CA SER A 184 -16.19 -1.16 -14.14
C SER A 184 -15.76 -0.87 -15.55
N ILE A 185 -15.93 -1.84 -16.44
CA ILE A 185 -15.60 -1.68 -17.87
C ILE A 185 -16.85 -1.81 -18.74
N LEU A 186 -16.95 -0.93 -19.73
CA LEU A 186 -17.95 -0.91 -20.78
C LEU A 186 -17.15 -1.02 -22.10
N LYS A 187 -17.30 -2.15 -22.72
CA LYS A 187 -16.48 -2.64 -23.79
C LYS A 187 -17.33 -2.81 -25.04
N LYS A 188 -16.90 -2.26 -26.16
CA LYS A 188 -17.65 -2.44 -27.41
C LYS A 188 -17.81 -3.94 -27.79
N SER A 189 -19.03 -4.34 -28.11
CA SER A 189 -19.40 -5.70 -28.40
C SER A 189 -20.23 -5.74 -29.66
N GLU A 190 -19.85 -6.60 -30.60
CA GLU A 190 -20.55 -6.78 -31.90
C GLU A 190 -21.79 -7.66 -31.71
N SER A 191 -21.81 -8.45 -30.65
CA SER A 191 -22.87 -9.39 -30.48
C SER A 191 -23.88 -9.02 -29.38
N ILE A 192 -23.55 -8.17 -28.42
CA ILE A 192 -24.56 -7.83 -27.38
C ILE A 192 -25.57 -6.88 -27.94
N LYS A 193 -26.81 -7.10 -27.61
CA LYS A 193 -27.88 -6.38 -28.28
C LYS A 193 -27.75 -4.87 -28.00
N VAL A 194 -27.36 -4.41 -26.81
CA VAL A 194 -27.05 -2.94 -26.59
C VAL A 194 -25.67 -2.44 -27.09
N GLY A 195 -24.84 -3.29 -27.66
CA GLY A 195 -23.61 -2.80 -28.29
C GLY A 195 -22.42 -2.84 -27.34
N PHE A 196 -22.64 -3.03 -26.04
CA PHE A 196 -21.61 -2.95 -25.01
C PHE A 196 -21.76 -4.06 -24.03
N GLN A 197 -20.62 -4.61 -23.67
CA GLN A 197 -20.50 -5.50 -22.51
C GLN A 197 -20.10 -4.70 -21.23
N SER A 198 -20.82 -4.95 -20.13
CA SER A 198 -20.54 -4.45 -18.80
C SER A 198 -19.79 -5.54 -18.04
N ILE A 199 -18.55 -5.22 -17.68
CA ILE A 199 -17.70 -6.17 -16.95
C ILE A 199 -17.30 -5.56 -15.62
N LEU A 200 -17.45 -6.31 -14.54
CA LEU A 200 -16.86 -5.88 -13.24
C LEU A 200 -15.59 -6.70 -13.05
N VAL A 201 -14.48 -6.04 -12.72
CA VAL A 201 -13.27 -6.72 -12.51
C VAL A 201 -12.79 -6.25 -11.15
N PHE A 202 -12.44 -7.23 -10.31
CA PHE A 202 -11.75 -6.92 -9.06
C PHE A 202 -10.32 -7.26 -9.29
N GLN A 203 -9.44 -6.35 -8.86
CA GLN A 203 -8.06 -6.47 -9.12
C GLN A 203 -7.19 -6.07 -7.93
N ILE A 204 -6.08 -6.76 -7.75
CA ILE A 204 -5.04 -6.38 -6.77
C ILE A 204 -3.76 -6.43 -7.56
N THR A 205 -2.96 -5.38 -7.50
CA THR A 205 -1.70 -5.24 -8.25
C THR A 205 -0.53 -5.26 -7.24
N GLN A 206 0.51 -6.04 -7.56
CA GLN A 206 1.75 -6.10 -6.82
C GLN A 206 2.94 -6.50 -7.71
N HIS A 207 4.13 -6.20 -7.20
CA HIS A 207 5.38 -6.65 -7.77
C HIS A 207 5.46 -8.15 -7.54
N ALA A 208 6.11 -8.78 -8.50
CA ALA A 208 6.23 -10.19 -8.65
C ALA A 208 6.98 -10.95 -7.54
N ARG A 209 7.93 -10.30 -6.93
CA ARG A 209 8.58 -10.82 -5.74
C ARG A 209 7.67 -11.20 -4.59
N ASP A 210 6.46 -10.64 -4.56
CA ASP A 210 5.45 -11.06 -3.58
C ASP A 210 4.48 -12.08 -4.21
N VAL A 211 5.00 -12.84 -5.19
CA VAL A 211 4.25 -13.85 -5.85
C VAL A 211 3.47 -14.77 -4.88
N LYS A 212 4.10 -15.19 -3.78
CA LYS A 212 3.51 -16.22 -2.88
C LYS A 212 2.25 -15.70 -2.21
N LEU A 213 2.37 -14.51 -1.67
CA LEU A 213 1.24 -13.75 -1.22
C LEU A 213 0.12 -13.63 -2.26
N MET A 214 0.45 -13.16 -3.45
CA MET A 214 -0.53 -13.06 -4.50
C MET A 214 -1.18 -14.39 -4.80
N GLU A 215 -0.36 -15.43 -4.81
CA GLU A 215 -0.93 -16.75 -5.05
C GLU A 215 -1.94 -17.15 -3.98
N SER A 216 -1.61 -16.83 -2.74
CA SER A 216 -2.45 -17.18 -1.60
C SER A 216 -3.80 -16.45 -1.61
N LEU A 217 -3.90 -15.33 -2.35
CA LEU A 217 -5.20 -14.71 -2.48
C LEU A 217 -6.22 -15.60 -3.11
N ILE A 218 -5.79 -16.51 -4.00
CA ILE A 218 -6.78 -17.33 -4.72
C ILE A 218 -7.52 -18.26 -3.74
N SER A 219 -6.75 -18.97 -2.91
CA SER A 219 -7.38 -19.82 -1.85
C SER A 219 -8.05 -18.91 -0.77
N TYR A 220 -7.43 -17.77 -0.40
CA TYR A 220 -8.05 -16.96 0.60
C TYR A 220 -9.44 -16.51 0.19
N LEU A 221 -9.59 -16.04 -1.04
CA LEU A 221 -10.84 -15.49 -1.50
C LEU A 221 -11.70 -16.52 -2.30
N GLY A 222 -11.15 -17.68 -2.51
CA GLY A 222 -11.90 -18.77 -3.10
C GLY A 222 -12.24 -18.46 -4.56
N CYS A 223 -11.38 -17.70 -5.24
CA CYS A 223 -11.56 -17.26 -6.65
C CYS A 223 -10.32 -16.47 -7.13
N GLY A 224 -10.31 -16.25 -8.43
CA GLY A 224 -9.35 -15.38 -9.09
C GLY A 224 -8.27 -16.17 -9.74
N PHE A 225 -7.44 -15.43 -10.43
CA PHE A 225 -6.30 -16.01 -11.07
C PHE A 225 -5.26 -14.90 -11.17
N ILE A 226 -4.02 -15.26 -11.35
CA ILE A 226 -2.94 -14.32 -11.38
C ILE A 226 -2.61 -14.14 -12.82
N GLU A 227 -2.54 -12.89 -13.28
CA GLU A 227 -1.98 -12.57 -14.60
C GLU A 227 -0.74 -11.90 -14.33
N LYS A 228 0.21 -12.15 -15.20
CA LYS A 228 1.48 -11.51 -15.19
C LYS A 228 1.52 -10.61 -16.41
N ASP A 229 1.92 -9.37 -16.18
CA ASP A 229 2.16 -8.41 -17.23
C ASP A 229 3.35 -8.93 -18.09
N SER A 230 3.15 -9.07 -19.41
CA SER A 230 4.23 -9.57 -20.29
C SER A 230 5.46 -8.68 -20.33
N ARG A 231 5.32 -7.43 -19.84
CA ARG A 231 6.36 -6.38 -19.94
C ARG A 231 7.35 -6.40 -18.76
N GLY A 232 6.95 -6.88 -17.59
CA GLY A 232 7.82 -6.79 -16.42
C GLY A 232 7.33 -7.57 -15.22
N PRO A 233 7.91 -7.28 -14.05
CA PRO A 233 7.65 -8.03 -12.81
C PRO A 233 6.35 -7.61 -12.07
N TRP A 234 5.19 -7.74 -12.72
CA TRP A 234 3.92 -7.18 -12.19
C TRP A 234 2.82 -8.20 -12.36
N LEU A 235 2.20 -8.50 -11.24
CA LEU A 235 1.12 -9.43 -11.16
C LEU A 235 -0.15 -8.72 -10.85
N TYR A 236 -1.21 -9.26 -11.43
CA TYR A 236 -2.53 -8.73 -11.26
C TYR A 236 -3.36 -9.96 -10.89
N TYR A 237 -3.67 -10.01 -9.60
CA TYR A 237 -4.69 -10.91 -9.14
C TYR A 237 -6.01 -10.29 -9.62
N THR A 238 -6.85 -11.14 -10.20
CA THR A 238 -7.93 -10.70 -11.01
C THR A 238 -9.11 -11.61 -10.81
N VAL A 239 -10.30 -11.02 -10.59
CA VAL A 239 -11.53 -11.74 -10.63
C VAL A 239 -12.44 -11.12 -11.71
N THR A 240 -12.81 -11.95 -12.69
CA THR A 240 -13.73 -11.56 -13.78
C THR A 240 -15.06 -12.36 -13.83
N ASN A 241 -15.16 -13.44 -13.06
CA ASN A 241 -16.31 -14.25 -13.03
C ASN A 241 -17.38 -13.60 -12.20
N PHE A 242 -18.51 -13.26 -12.77
CA PHE A 242 -19.47 -12.35 -12.03
C PHE A 242 -20.10 -13.03 -10.82
N SER A 243 -20.29 -14.35 -10.87
CA SER A 243 -20.87 -15.01 -9.72
C SER A 243 -19.88 -15.08 -8.52
N ASP A 244 -18.59 -15.13 -8.77
CA ASP A 244 -17.56 -14.84 -7.74
C ASP A 244 -17.54 -13.41 -7.20
N ILE A 245 -17.69 -12.45 -8.09
CA ILE A 245 -17.83 -11.08 -7.66
C ILE A 245 -18.98 -10.98 -6.63
N GLN A 246 -20.15 -11.45 -7.04
CA GLN A 246 -21.32 -11.46 -6.22
C GLN A 246 -21.23 -12.34 -5.03
N GLY A 247 -20.69 -13.54 -5.17
CA GLY A 247 -20.76 -14.54 -4.13
C GLY A 247 -19.65 -14.36 -3.13
N LYS A 248 -18.47 -13.90 -3.56
CA LYS A 248 -17.27 -13.87 -2.70
C LYS A 248 -16.62 -12.54 -2.46
N ILE A 249 -16.43 -11.74 -3.52
CA ILE A 249 -15.71 -10.44 -3.34
C ILE A 249 -16.62 -9.43 -2.63
N ILE A 250 -17.77 -9.17 -3.15
CA ILE A 250 -18.65 -8.18 -2.54
C ILE A 250 -18.95 -8.46 -1.04
N PRO A 251 -19.36 -9.69 -0.72
CA PRO A 251 -19.57 -9.98 0.68
C PRO A 251 -18.33 -9.88 1.52
N PHE A 252 -17.16 -10.32 1.07
CA PHE A 252 -15.94 -10.11 1.89
C PHE A 252 -15.78 -8.65 2.29
N PHE A 253 -15.74 -7.78 1.28
CA PHE A 253 -15.55 -6.36 1.53
C PHE A 253 -16.75 -5.59 2.14
N HIS A 254 -17.92 -6.19 2.09
CA HIS A 254 -19.05 -5.67 2.83
C HIS A 254 -18.76 -5.76 4.32
N GLN A 255 -18.28 -6.90 4.76
CA GLN A 255 -17.87 -7.11 6.15
C GLN A 255 -16.52 -6.55 6.56
N TYR A 256 -15.52 -6.59 5.69
CA TYR A 256 -14.17 -6.00 5.96
C TYR A 256 -14.02 -4.82 5.00
N LYS A 257 -14.36 -3.63 5.48
CA LYS A 257 -14.57 -2.46 4.65
C LYS A 257 -13.29 -1.80 4.25
N ILE A 258 -13.27 -1.35 3.01
CA ILE A 258 -12.23 -0.61 2.40
C ILE A 258 -12.25 0.74 3.12
N ILE A 259 -11.06 1.34 3.25
CA ILE A 259 -10.85 2.65 3.86
C ILE A 259 -10.39 3.66 2.80
N GLY A 260 -10.58 4.92 3.11
CA GLY A 260 -10.36 6.00 2.11
C GLY A 260 -11.52 6.18 1.15
N SER A 261 -11.36 7.12 0.21
CA SER A 261 -12.43 7.40 -0.74
C SER A 261 -12.76 6.19 -1.65
N ALA A 262 -11.84 5.25 -1.75
CA ALA A 262 -12.09 4.03 -2.46
C ALA A 262 -13.33 3.28 -1.90
N TYR A 263 -13.70 3.50 -0.62
CA TYR A 263 -14.90 2.94 -0.12
C TYR A 263 -16.18 3.38 -0.90
N GLY A 264 -16.31 4.66 -1.28
CA GLY A 264 -17.38 5.17 -2.18
C GLY A 264 -17.36 4.47 -3.53
N ASP A 265 -16.19 4.18 -4.03
CA ASP A 265 -16.07 3.49 -5.29
C ASP A 265 -16.59 2.05 -5.25
N TYR A 266 -16.17 1.32 -4.23
CA TYR A 266 -16.70 0.00 -3.93
C TYR A 266 -18.21 0.03 -3.83
N GLN A 267 -18.81 1.01 -3.14
CA GLN A 267 -20.25 1.06 -3.10
C GLN A 267 -20.90 1.23 -4.49
N ASP A 268 -20.34 2.14 -5.25
CA ASP A 268 -20.77 2.33 -6.65
C ASP A 268 -20.70 1.06 -7.49
N TRP A 269 -19.62 0.33 -7.27
CA TRP A 269 -19.36 -0.89 -8.03
C TRP A 269 -20.42 -1.93 -7.67
N CYS A 270 -20.76 -1.94 -6.37
CA CYS A 270 -21.83 -2.77 -5.84
C CYS A 270 -23.17 -2.46 -6.44
N LYS A 271 -23.43 -1.18 -6.68
CA LYS A 271 -24.61 -0.78 -7.36
C LYS A 271 -24.66 -1.26 -8.82
N ILE A 272 -23.56 -1.19 -9.53
CA ILE A 272 -23.47 -1.81 -10.89
C ILE A 272 -23.82 -3.31 -10.85
N ALA A 273 -23.26 -4.03 -9.89
CA ALA A 273 -23.53 -5.45 -9.75
C ALA A 273 -24.96 -5.75 -9.56
N LEU A 274 -25.65 -4.87 -8.87
CA LEU A 274 -27.09 -5.06 -8.64
C LEU A 274 -27.84 -4.96 -9.92
N ILE A 275 -27.54 -3.92 -10.70
CA ILE A 275 -28.15 -3.74 -12.01
C ILE A 275 -27.79 -4.99 -12.85
N MET A 276 -26.58 -5.51 -12.70
CA MET A 276 -26.18 -6.72 -13.45
C MET A 276 -26.83 -8.01 -12.97
N GLN A 277 -26.97 -8.20 -11.69
CA GLN A 277 -27.74 -9.31 -11.13
C GLN A 277 -29.17 -9.36 -11.65
N ASN A 278 -29.79 -8.20 -11.76
CA ASN A 278 -31.10 -8.03 -12.39
C ASN A 278 -31.14 -8.17 -13.92
N LYS A 279 -29.98 -8.34 -14.57
CA LYS A 279 -29.91 -8.41 -16.03
C LYS A 279 -30.25 -7.10 -16.72
N ASN A 280 -30.29 -6.00 -15.96
CA ASN A 280 -30.71 -4.75 -16.56
C ASN A 280 -29.58 -4.10 -17.34
N HIS A 281 -28.35 -4.50 -17.10
CA HIS A 281 -27.23 -4.10 -18.01
C HIS A 281 -27.38 -4.40 -19.49
N LEU A 282 -28.33 -5.27 -19.82
CA LEU A 282 -28.58 -5.64 -21.20
C LEU A 282 -29.68 -4.84 -21.85
N THR A 283 -30.14 -3.76 -21.17
CA THR A 283 -31.14 -2.83 -21.69
C THR A 283 -30.44 -1.47 -21.83
N PRO A 284 -30.90 -0.62 -22.78
CA PRO A 284 -30.30 0.75 -22.86
C PRO A 284 -30.35 1.55 -21.53
N GLU A 285 -31.44 1.45 -20.79
CA GLU A 285 -31.61 2.25 -19.58
C GLU A 285 -30.61 1.79 -18.53
N GLY A 286 -30.51 0.47 -18.38
CA GLY A 286 -29.61 -0.16 -17.40
C GLY A 286 -28.18 0.20 -17.79
N LEU A 287 -27.80 0.04 -19.06
CA LEU A 287 -26.46 0.46 -19.55
C LEU A 287 -26.22 1.92 -19.13
N ASN A 288 -27.19 2.81 -19.34
CA ASN A 288 -27.01 4.21 -18.99
C ASN A 288 -26.85 4.45 -17.51
N GLU A 289 -27.56 3.73 -16.65
CA GLU A 289 -27.32 3.82 -15.21
C GLU A 289 -25.90 3.47 -14.81
N ILE A 290 -25.42 2.39 -15.40
CA ILE A 290 -24.09 1.94 -15.19
C ILE A 290 -23.11 2.99 -15.73
N ARG A 291 -23.36 3.52 -16.91
CA ARG A 291 -22.55 4.63 -17.33
C ARG A 291 -22.53 5.77 -16.33
N ALA A 292 -23.66 6.15 -15.74
CA ALA A 292 -23.64 7.28 -14.78
C ALA A 292 -22.87 6.92 -13.51
N LEU A 293 -23.05 5.70 -12.99
CA LEU A 293 -22.40 5.34 -11.71
C LEU A 293 -20.90 5.42 -11.85
N LYS A 294 -20.49 4.83 -12.96
CA LYS A 294 -19.12 4.73 -13.41
C LYS A 294 -18.52 6.07 -13.62
N GLY A 295 -19.21 6.94 -14.31
CA GLY A 295 -18.69 8.25 -14.47
C GLY A 295 -18.36 8.88 -13.14
N GLY A 296 -19.24 8.66 -12.16
CA GLY A 296 -19.08 9.18 -10.83
C GLY A 296 -17.94 8.61 -10.00
N MET A 297 -17.25 7.57 -10.48
CA MET A 297 -16.35 6.85 -9.62
C MET A 297 -15.03 7.62 -9.66
N ASN A 298 -14.15 7.44 -8.67
CA ASN A 298 -12.87 8.12 -8.62
C ASN A 298 -12.99 9.63 -8.67
N LYS A 299 -14.02 10.24 -8.07
CA LYS A 299 -14.14 11.72 -8.05
C LYS A 299 -14.08 12.38 -6.65
N GLY A 300 -13.65 11.64 -5.61
CA GLY A 300 -14.04 11.95 -4.23
C GLY A 300 -15.56 11.78 -4.09
#